data_1NZF
#
_entry.id   1NZF
#
_cell.length_a   63.119
_cell.length_b   72.958
_cell.length_c   80.148
_cell.angle_alpha   90.00
_cell.angle_beta   90.00
_cell.angle_gamma   90.00
#
_symmetry.space_group_name_H-M   'P 21 21 21'
#
loop_
_entity.id
_entity.type
_entity.pdbx_description
1 polymer 'DNA beta-glycosyltransferase'
2 non-polymer 'CHLORIDE ION'
3 non-polymer "URIDINE-5'-DIPHOSPHATE-GLUCOSE"
4 non-polymer GLYCEROL
5 water water
#
_entity_poly.entity_id   1
_entity_poly.type   'polypeptide(L)'
_entity_poly.pdbx_seq_one_letter_code
;MKIAIINMGNNVINFKTVPSSETIYLFKVISEMGLNVDIISLKNGVYTKSFDEVDVNDYDRLIVVNSSINFFGGKPNLAI
LSAQKFMAKYKSKIYYLFTAIRLPFSQSWPNVKNRPWAYLYTEEELLIKSPIKVISQGINLDIAKAAHKKVDNVIEFEYF
PIEQYKIHMNDFQLSKPTKKTLDVIYGGSFRSGQRESKMVEFLFDTGLNIEFFGNAREKQFKNPKYPWTKAPVFTGKIPM
NMVSEKNSQAIAALIIGDKNYNDNFITLRVWETMASDAVMLIDEEFDTKHRIINDARFYVNNRAELIDRVNELKHSDVLR
KEMLSIQHDILNKTRAKKAEWQDAFKKAIDL
;
_entity_poly.pdbx_strand_id   A
#
loop_
_chem_comp.id
_chem_comp.type
_chem_comp.name
_chem_comp.formula
CL non-polymer 'CHLORIDE ION' 'Cl -1'
GOL non-polymer GLYCEROL 'C3 H8 O3'
UPG non-polymer URIDINE-5'-DIPHOSPHATE-GLUCOSE 'C15 H24 N2 O17 P2'
#
# COMPACT_ATOMS: atom_id res chain seq x y z
N MET A 1 11.73 -21.89 -14.89
CA MET A 1 11.86 -21.13 -13.61
C MET A 1 10.51 -20.85 -12.97
N LYS A 2 10.46 -20.92 -11.64
CA LYS A 2 9.24 -20.66 -10.88
C LYS A 2 9.48 -19.68 -9.74
N ILE A 3 8.53 -18.78 -9.53
CA ILE A 3 8.64 -17.80 -8.47
C ILE A 3 7.52 -17.99 -7.45
N ALA A 4 7.86 -17.81 -6.19
CA ALA A 4 6.88 -17.93 -5.12
C ALA A 4 6.74 -16.58 -4.43
N ILE A 5 5.51 -16.12 -4.28
CA ILE A 5 5.28 -14.87 -3.58
C ILE A 5 4.36 -15.21 -2.42
N ILE A 6 4.62 -14.63 -1.25
CA ILE A 6 3.81 -14.89 -0.08
C ILE A 6 3.66 -13.60 0.70
N ASN A 7 2.71 -13.57 1.61
CA ASN A 7 2.54 -12.42 2.49
C ASN A 7 3.11 -12.97 3.80
N MET A 8 3.98 -12.19 4.45
CA MET A 8 4.63 -12.67 5.67
C MET A 8 3.78 -12.74 6.94
N GLY A 9 2.61 -12.10 6.97
CA GLY A 9 1.81 -12.15 8.17
C GLY A 9 0.30 -12.02 8.04
N ASN A 10 -0.22 -12.26 6.84
CA ASN A 10 -1.66 -12.17 6.60
C ASN A 10 -2.11 -13.25 5.63
N ASN A 11 -3.25 -13.88 5.93
CA ASN A 11 -3.78 -14.91 5.04
C ASN A 11 -4.20 -14.27 3.72
N VAL A 12 -4.02 -15.00 2.62
CA VAL A 12 -4.37 -14.49 1.30
C VAL A 12 -5.48 -15.29 0.66
N ILE A 13 -6.56 -14.62 0.28
CA ILE A 13 -7.69 -15.30 -0.36
C ILE A 13 -8.27 -14.47 -1.50
N ASN A 14 -8.71 -13.25 -1.17
CA ASN A 14 -9.31 -12.36 -2.16
C ASN A 14 -9.06 -10.89 -1.84
N PHE A 15 -9.98 -10.02 -2.26
CA PHE A 15 -9.80 -8.59 -2.03
C PHE A 15 -10.49 -8.01 -0.79
N LYS A 16 -10.89 -8.89 0.13
CA LYS A 16 -11.56 -8.47 1.36
C LYS A 16 -10.64 -7.64 2.26
N THR A 17 -9.34 -7.93 2.21
CA THR A 17 -8.38 -7.19 3.03
C THR A 17 -7.29 -6.59 2.17
N VAL A 18 -6.67 -5.53 2.66
CA VAL A 18 -5.60 -4.85 1.95
C VAL A 18 -4.33 -5.70 1.75
N PRO A 19 -3.89 -6.42 2.80
CA PRO A 19 -2.69 -7.26 2.66
C PRO A 19 -2.88 -8.36 1.60
N SER A 20 -4.03 -9.00 1.63
CA SER A 20 -4.36 -10.05 0.67
C SER A 20 -4.42 -9.46 -0.74
N SER A 21 -5.11 -8.34 -0.89
CA SER A 21 -5.25 -7.67 -2.20
C SER A 21 -3.90 -7.31 -2.81
N GLU A 22 -3.04 -6.67 -2.03
CA GLU A 22 -1.73 -6.27 -2.52
C GLU A 22 -0.93 -7.48 -2.98
N THR A 23 -1.04 -8.58 -2.24
CA THR A 23 -0.32 -9.79 -2.60
C THR A 23 -0.82 -10.35 -3.93
N ILE A 24 -2.14 -10.35 -4.12
CA ILE A 24 -2.73 -10.86 -5.35
C ILE A 24 -2.39 -9.97 -6.56
N TYR A 25 -2.45 -8.65 -6.37
CA TYR A 25 -2.13 -7.75 -7.46
C TYR A 25 -0.67 -7.90 -7.91
N LEU A 26 0.24 -8.08 -6.95
CA LEU A 26 1.64 -8.25 -7.30
C LEU A 26 1.78 -9.57 -8.04
N PHE A 27 1.09 -10.60 -7.55
CA PHE A 27 1.11 -11.90 -8.20
C PHE A 27 0.67 -11.71 -9.65
N LYS A 28 -0.39 -10.92 -9.85
CA LYS A 28 -0.89 -10.69 -11.20
C LYS A 28 0.08 -9.94 -12.12
N VAL A 29 0.66 -8.85 -11.65
CA VAL A 29 1.59 -8.10 -12.52
C VAL A 29 2.86 -8.88 -12.80
N ILE A 30 3.31 -9.68 -11.84
CA ILE A 30 4.51 -10.48 -12.04
C ILE A 30 4.21 -11.53 -13.09
N SER A 31 3.03 -12.13 -13.00
CA SER A 31 2.61 -13.15 -13.94
C SER A 31 2.45 -12.59 -15.36
N GLU A 32 1.83 -11.41 -15.47
CA GLU A 32 1.62 -10.77 -16.77
C GLU A 32 2.92 -10.24 -17.35
N MET A 33 3.97 -10.34 -16.54
CA MET A 33 5.30 -9.90 -16.91
C MET A 33 5.99 -11.06 -17.65
N GLY A 34 5.26 -12.15 -17.84
CA GLY A 34 5.83 -13.30 -18.52
C GLY A 34 6.63 -14.19 -17.59
N LEU A 35 6.32 -14.14 -16.30
CA LEU A 35 7.02 -14.95 -15.30
C LEU A 35 6.08 -15.95 -14.63
N ASN A 36 6.59 -17.13 -14.32
CA ASN A 36 5.78 -18.15 -13.65
C ASN A 36 5.81 -17.88 -12.16
N VAL A 37 4.64 -17.62 -11.59
CA VAL A 37 4.56 -17.32 -10.16
C VAL A 37 3.37 -17.99 -9.47
N ASP A 38 3.58 -18.37 -8.22
CA ASP A 38 2.55 -18.97 -7.39
C ASP A 38 2.46 -18.17 -6.10
N ILE A 39 1.25 -17.97 -5.59
CA ILE A 39 1.10 -17.28 -4.32
C ILE A 39 0.99 -18.47 -3.37
N ILE A 40 1.78 -18.48 -2.31
CA ILE A 40 1.70 -19.58 -1.35
C ILE A 40 1.13 -19.01 -0.05
N SER A 41 0.04 -19.61 0.43
CA SER A 41 -0.60 -19.13 1.65
C SER A 41 -1.03 -20.28 2.55
N LEU A 42 -1.92 -20.01 3.51
CA LEU A 42 -2.38 -21.03 4.43
C LEU A 42 -3.04 -22.24 3.76
N LYS A 43 -3.94 -21.98 2.81
CA LYS A 43 -4.63 -23.05 2.12
C LYS A 43 -4.70 -22.81 0.62
N ASN A 44 -5.12 -23.85 -0.11
CA ASN A 44 -5.26 -23.74 -1.55
C ASN A 44 -6.51 -22.90 -1.76
N GLY A 45 -6.50 -22.06 -2.80
CA GLY A 45 -7.64 -21.21 -3.09
C GLY A 45 -7.55 -20.80 -4.55
N VAL A 46 -8.50 -20.01 -5.03
CA VAL A 46 -8.46 -19.58 -6.42
C VAL A 46 -7.12 -18.96 -6.82
N TYR A 47 -6.54 -18.15 -5.94
CA TYR A 47 -5.27 -17.48 -6.21
C TYR A 47 -4.08 -18.08 -5.48
N THR A 48 -4.29 -19.11 -4.66
CA THR A 48 -3.20 -19.65 -3.87
C THR A 48 -3.02 -21.16 -3.79
N LYS A 49 -1.85 -21.53 -3.27
CA LYS A 49 -1.49 -22.92 -3.00
C LYS A 49 -1.10 -22.84 -1.51
N SER A 50 -1.17 -23.97 -0.81
CA SER A 50 -0.83 -23.98 0.61
C SER A 50 0.65 -24.25 0.85
N PHE A 51 1.15 -23.70 1.94
CA PHE A 51 2.56 -23.87 2.34
C PHE A 51 2.91 -25.36 2.43
N ASP A 52 1.94 -26.17 2.86
CA ASP A 52 2.18 -27.60 3.04
C ASP A 52 2.10 -28.48 1.80
N GLU A 53 1.57 -27.96 0.70
CA GLU A 53 1.45 -28.77 -0.51
C GLU A 53 2.57 -28.52 -1.52
N VAL A 54 3.46 -27.59 -1.19
CA VAL A 54 4.57 -27.27 -2.08
C VAL A 54 5.88 -27.28 -1.30
N ASP A 55 6.99 -27.22 -2.02
CA ASP A 55 8.30 -27.20 -1.39
C ASP A 55 8.94 -25.88 -1.77
N VAL A 56 9.24 -25.06 -0.77
CA VAL A 56 9.81 -23.74 -1.00
C VAL A 56 11.04 -23.76 -1.91
N ASN A 57 11.84 -24.81 -1.80
CA ASN A 57 13.04 -24.90 -2.62
C ASN A 57 12.85 -25.41 -4.06
N ASP A 58 11.59 -25.50 -4.47
CA ASP A 58 11.25 -25.89 -5.84
C ASP A 58 11.09 -24.56 -6.59
N TYR A 59 11.22 -23.46 -5.85
CA TYR A 59 11.11 -22.13 -6.41
C TYR A 59 12.48 -21.50 -6.51
N ASP A 60 12.69 -20.71 -7.56
CA ASP A 60 13.97 -20.06 -7.81
C ASP A 60 14.09 -18.66 -7.21
N ARG A 61 12.95 -18.08 -6.86
CA ARG A 61 12.91 -16.77 -6.24
C ARG A 61 11.79 -16.79 -5.19
N LEU A 62 12.05 -16.21 -4.03
CA LEU A 62 11.04 -16.12 -2.99
C LEU A 62 10.83 -14.64 -2.70
N ILE A 63 9.63 -14.16 -3.01
CA ILE A 63 9.25 -12.77 -2.80
C ILE A 63 8.28 -12.70 -1.64
N VAL A 64 8.56 -11.81 -0.69
CA VAL A 64 7.76 -11.67 0.51
C VAL A 64 7.16 -10.27 0.71
N VAL A 65 5.84 -10.18 0.75
CA VAL A 65 5.17 -8.90 0.97
C VAL A 65 5.31 -8.59 2.45
N ASN A 66 5.75 -7.39 2.79
CA ASN A 66 5.94 -7.05 4.20
C ASN A 66 4.69 -7.15 5.06
N SER A 67 4.90 -7.42 6.35
CA SER A 67 3.83 -7.54 7.31
C SER A 67 4.42 -7.36 8.70
N SER A 68 3.55 -7.26 9.70
CA SER A 68 3.99 -7.12 11.07
C SER A 68 4.30 -8.53 11.56
N ILE A 69 5.21 -8.64 12.53
CA ILE A 69 5.55 -9.94 13.09
C ILE A 69 5.02 -10.02 14.52
N ASN A 70 4.37 -8.95 14.96
CA ASN A 70 3.83 -8.91 16.31
C ASN A 70 2.62 -9.82 16.46
N PHE A 71 2.56 -10.50 17.59
CA PHE A 71 1.47 -11.43 17.88
C PHE A 71 0.39 -10.76 18.72
N PHE A 72 -0.67 -10.35 18.04
CA PHE A 72 -1.79 -9.69 18.68
C PHE A 72 -2.33 -10.53 19.84
N GLY A 73 -2.53 -9.88 20.98
CA GLY A 73 -3.03 -10.57 22.15
C GLY A 73 -2.08 -11.60 22.73
N GLY A 74 -0.86 -11.65 22.21
CA GLY A 74 0.12 -12.61 22.71
C GLY A 74 -0.20 -14.02 22.26
N LYS A 75 -1.24 -14.17 21.44
CA LYS A 75 -1.64 -15.47 20.94
C LYS A 75 -0.94 -15.76 19.61
N PRO A 76 -0.84 -17.04 19.25
CA PRO A 76 -0.17 -17.40 17.98
C PRO A 76 -0.90 -16.83 16.77
N ASN A 77 -0.13 -16.50 15.73
CA ASN A 77 -0.68 -15.99 14.47
C ASN A 77 -0.11 -16.97 13.45
N LEU A 78 -0.95 -17.89 12.98
CA LEU A 78 -0.51 -18.90 12.02
C LEU A 78 0.01 -18.37 10.69
N ALA A 79 -0.48 -17.21 10.26
CA ALA A 79 -0.02 -16.63 9.00
C ALA A 79 1.44 -16.24 9.16
N ILE A 80 1.76 -15.55 10.25
CA ILE A 80 3.13 -15.15 10.54
C ILE A 80 4.03 -16.36 10.75
N LEU A 81 3.62 -17.27 11.63
CA LEU A 81 4.42 -18.46 11.93
C LEU A 81 4.63 -19.38 10.72
N SER A 82 3.58 -19.60 9.94
CA SER A 82 3.68 -20.46 8.76
C SER A 82 4.56 -19.81 7.70
N ALA A 83 4.41 -18.51 7.51
CA ALA A 83 5.19 -17.78 6.50
C ALA A 83 6.69 -17.82 6.83
N GLN A 84 7.04 -17.54 8.08
CA GLN A 84 8.44 -17.53 8.47
C GLN A 84 9.04 -18.94 8.48
N LYS A 85 8.22 -19.94 8.77
CA LYS A 85 8.71 -21.33 8.73
C LYS A 85 9.10 -21.60 7.26
N PHE A 86 8.22 -21.17 6.35
CA PHE A 86 8.41 -21.32 4.91
C PHE A 86 9.70 -20.62 4.49
N MET A 87 9.86 -19.38 4.94
CA MET A 87 11.05 -18.60 4.62
C MET A 87 12.33 -19.21 5.17
N ALA A 88 12.28 -19.70 6.40
CA ALA A 88 13.46 -20.30 7.05
C ALA A 88 14.03 -21.51 6.31
N LYS A 89 13.17 -22.27 5.64
CA LYS A 89 13.61 -23.45 4.91
C LYS A 89 14.19 -23.13 3.53
N TYR A 90 13.95 -21.91 3.05
CA TYR A 90 14.45 -21.50 1.74
C TYR A 90 15.96 -21.26 1.78
N LYS A 91 16.67 -21.80 0.79
CA LYS A 91 18.13 -21.68 0.74
C LYS A 91 18.73 -20.61 -0.18
N SER A 92 17.91 -19.70 -0.69
CA SER A 92 18.42 -18.65 -1.57
C SER A 92 18.00 -17.28 -1.04
N LYS A 93 18.44 -16.22 -1.71
CA LYS A 93 18.10 -14.86 -1.28
C LYS A 93 16.60 -14.60 -1.28
N ILE A 94 16.13 -13.89 -0.27
CA ILE A 94 14.72 -13.56 -0.12
C ILE A 94 14.52 -12.09 -0.48
N TYR A 95 13.52 -11.82 -1.31
CA TYR A 95 13.22 -10.46 -1.74
C TYR A 95 12.03 -9.91 -0.98
N TYR A 96 12.31 -8.97 -0.07
CA TYR A 96 11.29 -8.36 0.78
C TYR A 96 10.71 -7.07 0.20
N LEU A 97 9.43 -7.10 -0.14
CA LEU A 97 8.76 -5.92 -0.69
C LEU A 97 8.31 -5.02 0.45
N PHE A 98 9.04 -3.92 0.63
CA PHE A 98 8.82 -2.95 1.69
C PHE A 98 7.85 -1.86 1.20
N THR A 99 6.54 -2.08 1.40
CA THR A 99 5.53 -1.12 0.94
C THR A 99 4.98 -0.19 2.02
N ALA A 100 5.27 -0.48 3.29
CA ALA A 100 4.80 0.35 4.40
C ALA A 100 5.95 0.51 5.39
N ILE A 101 6.27 1.76 5.71
CA ILE A 101 7.36 2.08 6.62
C ILE A 101 7.35 1.32 7.95
N ARG A 102 6.17 1.15 8.53
CA ARG A 102 6.05 0.47 9.81
C ARG A 102 6.22 -1.05 9.77
N LEU A 103 6.46 -1.62 8.58
CA LEU A 103 6.59 -3.07 8.47
C LEU A 103 7.94 -3.60 7.96
N PRO A 104 9.05 -3.17 8.56
CA PRO A 104 10.36 -3.66 8.10
C PRO A 104 10.50 -5.13 8.43
N PHE A 105 11.35 -5.84 7.68
CA PHE A 105 11.53 -7.25 7.99
C PHE A 105 12.08 -7.41 9.39
N SER A 106 11.64 -8.45 10.08
CA SER A 106 12.11 -8.75 11.42
C SER A 106 11.85 -10.22 11.75
N GLN A 107 12.69 -10.79 12.60
CA GLN A 107 12.56 -12.19 12.99
C GLN A 107 11.45 -12.32 14.01
N SER A 108 10.67 -13.39 13.92
CA SER A 108 9.58 -13.61 14.86
C SER A 108 10.04 -14.42 16.07
N TRP A 109 11.04 -15.27 15.88
CA TRP A 109 11.55 -16.11 16.97
C TRP A 109 11.73 -15.39 18.30
N PRO A 110 12.32 -14.17 18.28
CA PRO A 110 12.51 -13.43 19.52
C PRO A 110 11.18 -13.16 20.24
N ASN A 111 10.11 -13.02 19.47
CA ASN A 111 8.77 -12.78 20.01
C ASN A 111 8.19 -14.08 20.54
N VAL A 112 8.41 -15.16 19.79
CA VAL A 112 7.90 -16.47 20.15
C VAL A 112 8.53 -17.09 21.40
N LYS A 113 9.85 -17.02 21.50
CA LYS A 113 10.56 -17.62 22.63
C LYS A 113 10.05 -17.18 24.00
N ASN A 114 9.49 -15.98 24.08
CA ASN A 114 8.97 -15.48 25.36
C ASN A 114 7.48 -15.71 25.58
N ARG A 115 6.84 -16.43 24.67
CA ARG A 115 5.42 -16.71 24.82
C ARG A 115 5.20 -18.07 25.49
N PRO A 116 4.07 -18.23 26.19
CA PRO A 116 3.77 -19.50 26.86
C PRO A 116 3.80 -20.68 25.90
N TRP A 117 3.42 -20.43 24.66
CA TRP A 117 3.37 -21.47 23.63
C TRP A 117 4.67 -21.66 22.87
N ALA A 118 5.76 -21.07 23.37
CA ALA A 118 7.07 -21.18 22.73
C ALA A 118 7.52 -22.64 22.53
N TYR A 119 7.14 -23.51 23.46
CA TYR A 119 7.55 -24.92 23.37
C TYR A 119 7.05 -25.61 22.10
N LEU A 120 6.05 -25.03 21.45
CA LEU A 120 5.50 -25.61 20.23
C LEU A 120 6.37 -25.36 19.00
N TYR A 121 7.35 -24.49 19.13
CA TYR A 121 8.25 -24.17 18.02
C TYR A 121 9.72 -24.20 18.43
N THR A 122 10.60 -24.12 17.45
CA THR A 122 12.04 -24.10 17.71
C THR A 122 12.69 -22.97 16.93
N GLU A 123 13.87 -22.56 17.38
CA GLU A 123 14.60 -21.50 16.72
C GLU A 123 14.92 -21.92 15.29
N GLU A 124 15.31 -23.18 15.13
CA GLU A 124 15.65 -23.73 13.83
C GLU A 124 14.49 -23.63 12.83
N GLU A 125 13.28 -23.83 13.31
CA GLU A 125 12.09 -23.76 12.44
C GLU A 125 11.76 -22.34 12.00
N LEU A 126 11.90 -21.39 12.91
CA LEU A 126 11.54 -20.00 12.66
C LEU A 126 12.63 -18.99 12.30
N LEU A 127 13.86 -19.24 12.73
CA LEU A 127 14.95 -18.30 12.43
C LEU A 127 15.32 -18.30 10.95
N ILE A 128 15.05 -17.18 10.29
CA ILE A 128 15.36 -17.04 8.86
C ILE A 128 16.80 -16.57 8.70
N LYS A 129 17.65 -17.43 8.15
CA LYS A 129 19.06 -17.11 7.98
C LYS A 129 19.48 -16.73 6.56
N SER A 130 18.63 -17.02 5.58
CA SER A 130 18.95 -16.68 4.20
C SER A 130 19.14 -15.17 4.03
N PRO A 131 20.03 -14.75 3.12
CA PRO A 131 20.25 -13.32 2.92
C PRO A 131 18.96 -12.66 2.40
N ILE A 132 18.78 -11.40 2.77
CA ILE A 132 17.57 -10.69 2.37
C ILE A 132 17.85 -9.39 1.64
N LYS A 133 17.06 -9.14 0.60
CA LYS A 133 17.18 -7.91 -0.16
C LYS A 133 15.90 -7.12 0.02
N VAL A 134 16.01 -5.93 0.58
CA VAL A 134 14.86 -5.08 0.80
C VAL A 134 14.60 -4.22 -0.43
N ILE A 135 13.41 -4.37 -1.01
CA ILE A 135 13.01 -3.58 -2.17
C ILE A 135 12.06 -2.53 -1.62
N SER A 136 12.59 -1.32 -1.45
CA SER A 136 11.87 -0.18 -0.90
C SER A 136 11.02 0.59 -1.90
N GLN A 137 9.76 0.81 -1.54
CA GLN A 137 8.84 1.56 -2.37
C GLN A 137 9.24 3.03 -2.30
N GLY A 138 9.92 3.38 -1.22
CA GLY A 138 10.40 4.74 -1.04
C GLY A 138 11.77 4.88 -1.67
N ILE A 139 12.02 6.01 -2.30
CA ILE A 139 13.30 6.22 -2.97
C ILE A 139 14.45 6.48 -1.99
N ASN A 140 14.12 6.89 -0.77
CA ASN A 140 15.12 7.17 0.24
C ASN A 140 15.58 5.90 0.96
N LEU A 141 16.73 5.36 0.55
CA LEU A 141 17.25 4.14 1.15
C LEU A 141 17.77 4.33 2.57
N ASP A 142 18.02 5.57 2.98
CA ASP A 142 18.48 5.85 4.33
C ASP A 142 17.35 5.54 5.30
N ILE A 143 16.14 5.94 4.91
CA ILE A 143 14.97 5.69 5.73
C ILE A 143 14.70 4.19 5.75
N ALA A 144 14.86 3.54 4.61
CA ALA A 144 14.65 2.09 4.52
C ALA A 144 15.65 1.34 5.39
N LYS A 145 16.91 1.76 5.36
CA LYS A 145 17.94 1.11 6.17
C LYS A 145 17.73 1.40 7.65
N ALA A 146 17.25 2.61 7.95
CA ALA A 146 17.00 3.00 9.33
C ALA A 146 15.90 2.14 9.93
N ALA A 147 14.93 1.76 9.11
CA ALA A 147 13.82 0.93 9.58
C ALA A 147 14.29 -0.49 9.85
N HIS A 148 15.38 -0.91 9.20
CA HIS A 148 15.91 -2.25 9.37
C HIS A 148 17.22 -2.27 10.14
N LYS A 149 17.44 -1.28 11.00
CA LYS A 149 18.67 -1.19 11.77
C LYS A 149 18.82 -2.33 12.78
N LYS A 150 17.77 -3.13 12.96
CA LYS A 150 17.83 -4.23 13.92
C LYS A 150 17.90 -5.62 13.30
N VAL A 151 18.02 -5.68 11.98
CA VAL A 151 18.13 -6.98 11.29
C VAL A 151 19.53 -7.17 10.74
N ASP A 152 20.09 -8.34 11.01
CA ASP A 152 21.45 -8.67 10.61
C ASP A 152 21.67 -9.13 9.17
N ASN A 153 20.88 -10.11 8.71
CA ASN A 153 21.04 -10.64 7.37
C ASN A 153 20.48 -9.81 6.20
N VAL A 154 19.99 -8.60 6.48
CA VAL A 154 19.49 -7.76 5.39
C VAL A 154 20.68 -7.11 4.71
N ILE A 155 21.18 -7.79 3.68
CA ILE A 155 22.34 -7.34 2.93
C ILE A 155 22.18 -6.13 2.02
N GLU A 156 21.15 -6.10 1.20
CA GLU A 156 20.99 -4.99 0.26
C GLU A 156 19.63 -4.30 0.21
N PHE A 157 19.66 -3.08 -0.32
CA PHE A 157 18.47 -2.25 -0.47
C PHE A 157 18.41 -1.68 -1.87
N GLU A 158 17.22 -1.66 -2.45
CA GLU A 158 17.03 -1.09 -3.78
C GLU A 158 15.63 -0.55 -3.92
N TYR A 159 15.52 0.65 -4.49
CA TYR A 159 14.24 1.31 -4.69
C TYR A 159 13.54 0.85 -5.97
N PHE A 160 12.23 0.69 -5.87
CA PHE A 160 11.40 0.32 -7.01
C PHE A 160 9.98 0.75 -6.66
N PRO A 161 9.32 1.47 -7.58
CA PRO A 161 7.95 1.93 -7.35
C PRO A 161 6.96 0.79 -7.44
N ILE A 162 6.89 0.01 -6.36
CA ILE A 162 6.00 -1.15 -6.26
C ILE A 162 4.52 -0.83 -6.45
N GLU A 163 4.08 0.30 -5.90
CA GLU A 163 2.67 0.68 -5.94
C GLU A 163 1.99 0.91 -7.29
N GLN A 164 2.76 0.84 -8.38
CA GLN A 164 2.17 1.04 -9.71
C GLN A 164 1.51 -0.24 -10.23
N TYR A 165 1.46 -1.27 -9.39
CA TYR A 165 0.88 -2.54 -9.82
C TYR A 165 -0.54 -2.47 -10.37
N LYS A 166 -1.36 -1.55 -9.87
CA LYS A 166 -2.72 -1.44 -10.38
C LYS A 166 -2.79 -0.81 -11.78
N ILE A 167 -1.99 0.22 -12.03
CA ILE A 167 -2.05 0.87 -13.34
C ILE A 167 -1.47 0.04 -14.48
N HIS A 168 -0.58 -0.88 -14.16
CA HIS A 168 0.03 -1.71 -15.18
C HIS A 168 -0.71 -3.01 -15.47
N MET A 169 -1.74 -3.29 -14.70
N MET A 169 -1.74 -3.29 -14.70
CA MET A 169 -2.54 -4.50 -14.90
CA MET A 169 -2.55 -4.49 -14.89
C MET A 169 -3.03 -4.52 -16.34
C MET A 169 -3.08 -4.53 -16.32
N ASN A 170 -3.15 -5.72 -16.90
CA ASN A 170 -3.63 -5.88 -18.26
C ASN A 170 -5.05 -5.35 -18.42
N ASP A 171 -5.88 -5.54 -17.41
CA ASP A 171 -7.27 -5.08 -17.48
C ASP A 171 -7.54 -3.74 -16.80
N PHE A 172 -6.53 -2.89 -16.71
CA PHE A 172 -6.72 -1.59 -16.09
C PHE A 172 -7.59 -0.69 -16.94
N GLN A 173 -8.43 0.10 -16.27
CA GLN A 173 -9.31 1.04 -16.96
C GLN A 173 -9.57 2.29 -16.13
N LEU A 174 -9.45 3.44 -16.76
CA LEU A 174 -9.71 4.71 -16.08
C LEU A 174 -11.19 4.72 -15.71
N SER A 175 -11.52 5.45 -14.66
CA SER A 175 -12.92 5.55 -14.27
C SER A 175 -13.57 6.50 -15.25
N LYS A 176 -14.86 6.30 -15.49
CA LYS A 176 -15.60 7.14 -16.42
C LYS A 176 -16.41 8.19 -15.67
N PRO A 177 -16.92 9.22 -16.39
CA PRO A 177 -17.71 10.27 -15.75
C PRO A 177 -18.75 9.67 -14.81
N THR A 178 -18.76 10.15 -13.58
CA THR A 178 -19.66 9.63 -12.56
C THR A 178 -20.52 10.71 -11.91
N LYS A 179 -21.75 10.36 -11.57
CA LYS A 179 -22.64 11.31 -10.91
C LYS A 179 -22.00 11.64 -9.56
N LYS A 180 -21.90 12.94 -9.25
CA LYS A 180 -21.28 13.38 -8.01
C LYS A 180 -22.24 13.49 -6.82
N THR A 181 -21.94 12.76 -5.76
CA THR A 181 -22.77 12.78 -4.55
C THR A 181 -21.99 13.27 -3.34
N LEU A 182 -20.71 13.60 -3.55
CA LEU A 182 -19.86 14.05 -2.46
C LEU A 182 -18.91 15.14 -2.96
N ASP A 183 -18.47 16.01 -2.06
CA ASP A 183 -17.53 17.06 -2.43
C ASP A 183 -16.11 16.49 -2.34
N VAL A 184 -15.83 15.83 -1.23
CA VAL A 184 -14.52 15.23 -0.98
C VAL A 184 -14.67 13.82 -0.43
N ILE A 185 -13.69 12.95 -0.74
CA ILE A 185 -13.72 11.59 -0.25
C ILE A 185 -12.30 11.10 0.02
N TYR A 186 -12.18 10.17 0.95
CA TYR A 186 -10.89 9.59 1.31
C TYR A 186 -11.20 8.18 1.81
N GLY A 187 -10.51 7.19 1.25
CA GLY A 187 -10.74 5.82 1.67
C GLY A 187 -9.46 5.24 2.23
N GLY A 188 -9.47 4.91 3.52
CA GLY A 188 -8.29 4.35 4.13
C GLY A 188 -8.45 4.00 5.59
N SER A 189 -7.33 3.88 6.28
CA SER A 189 -7.33 3.52 7.69
C SER A 189 -6.76 4.64 8.53
N PHE A 190 -7.00 4.56 9.83
CA PHE A 190 -6.50 5.56 10.77
C PHE A 190 -5.05 5.21 11.09
N ARG A 191 -4.24 6.23 11.32
CA ARG A 191 -2.85 6.05 11.70
C ARG A 191 -2.50 7.26 12.56
N SER A 192 -2.01 7.00 13.76
CA SER A 192 -1.66 8.08 14.68
C SER A 192 -0.48 8.90 14.18
N GLY A 193 -0.30 10.08 14.77
CA GLY A 193 0.80 10.94 14.36
C GLY A 193 0.40 11.93 13.29
N GLN A 194 1.33 12.21 12.37
CA GLN A 194 1.09 13.15 11.30
C GLN A 194 -0.13 12.82 10.44
N ARG A 195 -0.31 11.54 10.10
CA ARG A 195 -1.44 11.15 9.28
C ARG A 195 -2.74 11.54 9.98
N GLU A 196 -2.83 11.23 11.28
CA GLU A 196 -4.02 11.56 12.05
C GLU A 196 -4.23 13.07 12.06
N SER A 197 -3.14 13.79 12.30
CA SER A 197 -3.18 15.25 12.34
C SER A 197 -3.75 15.83 11.04
N LYS A 198 -3.24 15.36 9.92
CA LYS A 198 -3.68 15.84 8.62
C LYS A 198 -5.07 15.40 8.20
N MET A 199 -5.52 14.26 8.71
CA MET A 199 -6.87 13.80 8.38
C MET A 199 -7.87 14.75 9.01
N VAL A 200 -7.55 15.20 10.22
CA VAL A 200 -8.40 16.14 10.93
C VAL A 200 -8.41 17.47 10.18
N GLU A 201 -7.21 17.95 9.86
CA GLU A 201 -7.02 19.18 9.12
C GLU A 201 -7.83 19.24 7.83
N PHE A 202 -7.66 18.24 6.98
CA PHE A 202 -8.33 18.21 5.68
C PHE A 202 -9.71 17.57 5.57
N LEU A 203 -10.11 16.77 6.54
CA LEU A 203 -11.40 16.09 6.45
C LEU A 203 -12.43 16.46 7.51
N PHE A 204 -11.99 17.09 8.58
CA PHE A 204 -12.89 17.49 9.66
C PHE A 204 -13.17 18.98 9.65
N ASP A 205 -14.36 19.35 10.12
CA ASP A 205 -14.78 20.75 10.19
C ASP A 205 -14.48 21.56 8.94
N THR A 206 -14.81 21.01 7.78
CA THR A 206 -14.57 21.71 6.52
C THR A 206 -15.84 22.38 6.01
N GLY A 207 -16.98 21.92 6.52
CA GLY A 207 -18.25 22.46 6.08
C GLY A 207 -18.63 21.88 4.73
N LEU A 208 -17.84 20.92 4.26
CA LEU A 208 -18.10 20.28 2.97
C LEU A 208 -18.74 18.91 3.18
N ASN A 209 -19.30 18.35 2.12
CA ASN A 209 -19.91 17.02 2.22
C ASN A 209 -18.80 16.02 1.96
N ILE A 210 -18.20 15.54 3.04
CA ILE A 210 -17.08 14.60 2.96
C ILE A 210 -17.37 13.22 3.53
N GLU A 211 -16.91 12.20 2.81
CA GLU A 211 -17.08 10.81 3.25
C GLU A 211 -15.71 10.16 3.44
N PHE A 212 -15.58 9.39 4.51
CA PHE A 212 -14.35 8.69 4.83
C PHE A 212 -14.70 7.20 4.83
N PHE A 213 -14.35 6.48 3.77
CA PHE A 213 -14.64 5.05 3.74
C PHE A 213 -13.41 4.27 4.19
N GLY A 214 -13.59 2.99 4.49
CA GLY A 214 -12.49 2.16 4.97
C GLY A 214 -12.82 1.73 6.38
N ASN A 215 -11.89 1.05 7.05
CA ASN A 215 -12.16 0.59 8.41
C ASN A 215 -11.93 1.64 9.49
N ALA A 216 -11.55 2.85 9.08
CA ALA A 216 -11.32 3.93 10.04
C ALA A 216 -12.64 4.28 10.70
N ARG A 217 -12.59 4.71 11.97
CA ARG A 217 -13.80 5.07 12.68
C ARG A 217 -13.64 6.35 13.49
N GLU A 218 -14.76 7.04 13.69
CA GLU A 218 -14.77 8.30 14.43
C GLU A 218 -14.19 8.22 15.85
N LYS A 219 -14.32 7.06 16.50
CA LYS A 219 -13.80 6.90 17.86
C LYS A 219 -12.27 6.96 17.92
N GLN A 220 -11.63 6.67 16.80
CA GLN A 220 -10.16 6.66 16.74
C GLN A 220 -9.51 8.05 16.78
N PHE A 221 -10.27 9.09 16.45
CA PHE A 221 -9.73 10.45 16.45
C PHE A 221 -10.06 11.14 17.77
N LYS A 222 -9.23 10.90 18.77
CA LYS A 222 -9.45 11.47 20.10
C LYS A 222 -8.25 12.24 20.65
N ASN A 223 -7.21 12.39 19.84
CA ASN A 223 -6.01 13.11 20.27
C ASN A 223 -6.32 14.60 20.46
N PRO A 224 -6.35 15.07 21.72
CA PRO A 224 -6.62 16.47 22.05
C PRO A 224 -5.69 17.45 21.35
N LYS A 225 -4.59 16.93 20.82
CA LYS A 225 -3.63 17.76 20.12
C LYS A 225 -4.21 18.19 18.78
N TYR A 226 -5.26 17.47 18.35
CA TYR A 226 -5.93 17.74 17.09
C TYR A 226 -7.45 17.71 17.30
N PRO A 227 -8.00 18.75 17.94
CA PRO A 227 -9.44 18.84 18.22
C PRO A 227 -10.31 19.09 16.98
N TRP A 228 -11.56 18.65 17.06
CA TRP A 228 -12.53 18.82 15.98
C TRP A 228 -13.95 18.76 16.55
N THR A 229 -14.92 19.26 15.78
CA THR A 229 -16.31 19.27 16.22
C THR A 229 -17.19 18.38 15.33
N LYS A 230 -17.12 18.59 14.03
CA LYS A 230 -17.92 17.81 13.09
C LYS A 230 -17.04 16.93 12.23
N ALA A 231 -17.32 15.63 12.26
CA ALA A 231 -16.53 14.66 11.50
C ALA A 231 -17.18 14.27 10.18
N PRO A 232 -16.38 13.74 9.24
CA PRO A 232 -16.95 13.34 7.96
C PRO A 232 -17.78 12.09 8.20
N VAL A 233 -18.44 11.58 7.17
CA VAL A 233 -19.24 10.38 7.34
C VAL A 233 -18.37 9.15 7.11
N PHE A 234 -18.38 8.22 8.07
CA PHE A 234 -17.61 6.99 7.92
C PHE A 234 -18.59 5.96 7.41
N THR A 235 -18.23 5.28 6.31
CA THR A 235 -19.13 4.31 5.70
C THR A 235 -18.73 2.84 5.65
N GLY A 236 -17.53 2.50 6.11
CA GLY A 236 -17.13 1.09 6.08
C GLY A 236 -16.14 0.69 5.02
N LYS A 237 -15.42 -0.39 5.28
CA LYS A 237 -14.40 -0.90 4.37
C LYS A 237 -15.01 -1.64 3.18
N ILE A 238 -14.48 -1.38 1.99
CA ILE A 238 -14.95 -2.03 0.78
C ILE A 238 -13.77 -2.79 0.17
N PRO A 239 -14.04 -3.74 -0.75
CA PRO A 239 -12.98 -4.52 -1.40
C PRO A 239 -11.99 -3.57 -2.05
N MET A 240 -10.71 -3.93 -2.03
CA MET A 240 -9.70 -3.05 -2.62
C MET A 240 -9.83 -2.88 -4.14
N ASN A 241 -10.50 -3.81 -4.81
CA ASN A 241 -10.64 -3.70 -6.26
C ASN A 241 -11.79 -2.79 -6.68
N MET A 242 -12.37 -2.07 -5.73
CA MET A 242 -13.47 -1.16 -6.03
C MET A 242 -13.18 0.25 -5.49
N VAL A 243 -11.93 0.48 -5.12
CA VAL A 243 -11.54 1.78 -4.56
C VAL A 243 -11.68 2.96 -5.54
N SER A 244 -11.17 2.83 -6.76
CA SER A 244 -11.27 3.91 -7.73
C SER A 244 -12.73 4.23 -8.10
N GLU A 245 -13.54 3.19 -8.20
CA GLU A 245 -14.95 3.37 -8.52
C GLU A 245 -15.60 4.15 -7.37
N LYS A 246 -15.20 3.82 -6.16
CA LYS A 246 -15.72 4.49 -4.97
C LYS A 246 -15.28 5.95 -4.94
N ASN A 247 -14.00 6.20 -5.22
CA ASN A 247 -13.47 7.57 -5.23
C ASN A 247 -14.22 8.44 -6.22
N SER A 248 -14.62 7.82 -7.34
CA SER A 248 -15.33 8.51 -8.41
C SER A 248 -16.68 9.14 -8.04
N GLN A 249 -17.19 8.81 -6.87
CA GLN A 249 -18.48 9.35 -6.44
C GLN A 249 -18.34 10.80 -5.95
N ALA A 250 -17.09 11.23 -5.76
CA ALA A 250 -16.80 12.58 -5.27
C ALA A 250 -16.15 13.48 -6.31
N ILE A 251 -16.28 14.77 -6.08
CA ILE A 251 -15.68 15.78 -6.95
C ILE A 251 -14.17 15.73 -6.84
N ALA A 252 -13.67 15.49 -5.63
CA ALA A 252 -12.24 15.43 -5.38
C ALA A 252 -11.93 14.37 -4.33
N ALA A 253 -10.73 13.78 -4.42
CA ALA A 253 -10.26 12.77 -3.47
C ALA A 253 -8.87 13.20 -3.02
N LEU A 254 -8.59 13.07 -1.73
CA LEU A 254 -7.32 13.53 -1.16
C LEU A 254 -6.17 12.54 -0.97
N ILE A 255 -4.96 13.07 -1.07
CA ILE A 255 -3.74 12.32 -0.85
C ILE A 255 -3.18 13.03 0.38
N ILE A 256 -3.05 12.32 1.49
CA ILE A 256 -2.57 12.91 2.73
C ILE A 256 -1.19 12.36 3.14
N GLY A 257 -0.28 13.27 3.47
CA GLY A 257 1.06 12.87 3.86
C GLY A 257 1.22 12.21 5.22
N ASP A 258 2.45 11.80 5.50
CA ASP A 258 2.79 11.17 6.77
C ASP A 258 4.29 11.12 6.92
N LYS A 259 4.76 11.11 8.17
CA LYS A 259 6.18 11.07 8.48
C LYS A 259 6.89 9.98 7.69
N ASN A 260 8.03 10.32 7.12
CA ASN A 260 8.86 9.39 6.34
C ASN A 260 8.28 8.99 4.98
N TYR A 261 7.05 9.40 4.70
CA TYR A 261 6.44 9.08 3.40
C TYR A 261 6.62 10.28 2.48
N ASN A 262 6.52 11.47 3.05
CA ASN A 262 6.64 12.71 2.29
C ASN A 262 7.92 12.80 1.49
N ASP A 263 7.78 13.17 0.22
CA ASP A 263 8.90 13.30 -0.72
C ASP A 263 9.78 12.05 -0.74
N ASN A 264 9.16 10.89 -0.53
CA ASN A 264 9.91 9.65 -0.51
C ASN A 264 9.13 8.52 -1.18
N PHE A 265 7.94 8.27 -0.66
CA PHE A 265 7.04 7.23 -1.16
C PHE A 265 5.94 7.78 -2.05
N ILE A 266 5.57 7.01 -3.06
CA ILE A 266 4.41 7.35 -3.86
C ILE A 266 3.56 6.19 -3.34
N THR A 267 2.33 6.47 -2.93
CA THR A 267 1.46 5.43 -2.37
C THR A 267 0.42 4.97 -3.38
N LEU A 268 -0.13 3.77 -3.17
CA LEU A 268 -1.14 3.22 -4.07
C LEU A 268 -2.27 4.23 -4.30
N ARG A 269 -2.65 4.93 -3.23
CA ARG A 269 -3.71 5.94 -3.24
C ARG A 269 -3.54 6.93 -4.39
N VAL A 270 -2.30 7.33 -4.63
CA VAL A 270 -2.01 8.28 -5.70
C VAL A 270 -2.56 7.81 -7.05
N TRP A 271 -2.31 6.56 -7.38
CA TRP A 271 -2.78 6.03 -8.65
C TRP A 271 -4.27 5.72 -8.65
N GLU A 272 -4.81 5.33 -7.49
CA GLU A 272 -6.23 5.03 -7.37
C GLU A 272 -7.06 6.29 -7.52
N THR A 273 -6.52 7.40 -7.05
CA THR A 273 -7.21 8.68 -7.14
C THR A 273 -7.06 9.27 -8.54
N MET A 274 -5.84 9.23 -9.06
CA MET A 274 -5.55 9.77 -10.39
C MET A 274 -6.38 9.06 -11.45
N ALA A 275 -6.58 7.75 -11.29
CA ALA A 275 -7.35 6.97 -12.25
C ALA A 275 -8.87 7.12 -12.10
N SER A 276 -9.31 7.64 -10.97
CA SER A 276 -10.74 7.80 -10.72
C SER A 276 -11.32 9.02 -11.43
N ASP A 277 -12.62 9.25 -11.22
CA ASP A 277 -13.30 10.37 -11.83
C ASP A 277 -13.27 11.57 -10.88
N ALA A 278 -12.60 11.40 -9.74
CA ALA A 278 -12.49 12.47 -8.76
C ALA A 278 -11.17 13.21 -8.97
N VAL A 279 -11.20 14.54 -8.87
CA VAL A 279 -10.00 15.34 -9.03
C VAL A 279 -9.07 15.08 -7.85
N MET A 280 -7.81 14.78 -8.16
CA MET A 280 -6.81 14.48 -7.15
C MET A 280 -6.24 15.74 -6.52
N LEU A 281 -6.43 15.88 -5.20
CA LEU A 281 -5.89 17.01 -4.48
C LEU A 281 -4.83 16.45 -3.55
N ILE A 282 -3.63 17.03 -3.61
CA ILE A 282 -2.50 16.55 -2.84
C ILE A 282 -2.00 17.45 -1.72
N ASP A 283 -1.81 16.84 -0.54
CA ASP A 283 -1.27 17.55 0.62
C ASP A 283 0.12 18.01 0.21
N GLU A 284 0.31 19.32 0.14
CA GLU A 284 1.58 19.92 -0.27
C GLU A 284 2.81 19.26 0.34
N GLU A 285 2.77 19.03 1.66
CA GLU A 285 3.88 18.42 2.38
C GLU A 285 4.29 17.04 1.86
N PHE A 286 3.33 16.30 1.30
CA PHE A 286 3.61 14.97 0.78
C PHE A 286 4.48 14.97 -0.48
N ASP A 287 4.40 16.04 -1.25
CA ASP A 287 5.15 16.13 -2.50
C ASP A 287 5.47 17.60 -2.78
N THR A 288 6.40 18.14 -1.99
CA THR A 288 6.79 19.55 -2.07
C THR A 288 7.33 20.04 -3.40
N LYS A 289 7.87 19.15 -4.22
CA LYS A 289 8.41 19.55 -5.52
C LYS A 289 7.43 19.29 -6.65
N HIS A 290 6.18 18.99 -6.30
CA HIS A 290 5.15 18.71 -7.30
C HIS A 290 5.63 17.70 -8.32
N ARG A 291 6.19 16.60 -7.83
CA ARG A 291 6.70 15.51 -8.65
C ARG A 291 5.56 14.72 -9.31
N ILE A 292 4.42 14.63 -8.63
CA ILE A 292 3.28 13.88 -9.16
C ILE A 292 2.66 14.58 -10.38
N ILE A 293 2.33 15.86 -10.23
CA ILE A 293 1.79 16.65 -11.33
C ILE A 293 2.33 18.07 -11.20
N ASN A 294 2.93 18.56 -12.27
CA ASN A 294 3.51 19.90 -12.25
C ASN A 294 2.45 20.96 -12.55
N ASP A 295 1.51 21.09 -11.63
CA ASP A 295 0.40 22.04 -11.72
C ASP A 295 -0.02 22.30 -10.27
N ALA A 296 0.27 23.49 -9.78
CA ALA A 296 -0.03 23.86 -8.40
C ALA A 296 -1.50 23.71 -7.99
N ARG A 297 -2.40 23.65 -8.97
CA ARG A 297 -3.82 23.53 -8.65
C ARG A 297 -4.19 22.20 -8.02
N PHE A 298 -3.35 21.18 -8.19
CA PHE A 298 -3.61 19.87 -7.61
C PHE A 298 -3.10 19.75 -6.17
N TYR A 299 -2.53 20.82 -5.64
CA TYR A 299 -1.98 20.78 -4.29
C TYR A 299 -2.68 21.75 -3.32
N VAL A 300 -2.77 21.33 -2.06
CA VAL A 300 -3.38 22.15 -1.01
C VAL A 300 -2.50 22.11 0.24
N ASN A 301 -2.35 23.26 0.88
CA ASN A 301 -1.52 23.38 2.09
C ASN A 301 -2.25 23.17 3.40
N ASN A 302 -3.50 23.61 3.46
CA ASN A 302 -4.27 23.51 4.68
C ASN A 302 -5.77 23.43 4.41
N ARG A 303 -6.55 23.43 5.47
CA ARG A 303 -8.00 23.36 5.39
C ARG A 303 -8.57 24.48 4.54
N ALA A 304 -8.01 25.69 4.69
CA ALA A 304 -8.47 26.85 3.93
C ALA A 304 -8.35 26.60 2.43
N GLU A 305 -7.17 26.17 1.99
CA GLU A 305 -6.92 25.89 0.59
C GLU A 305 -7.83 24.78 0.06
N LEU A 306 -7.96 23.72 0.82
CA LEU A 306 -8.79 22.59 0.42
C LEU A 306 -10.22 23.06 0.15
N ILE A 307 -10.79 23.80 1.10
CA ILE A 307 -12.14 24.30 0.95
C ILE A 307 -12.28 25.18 -0.29
N ASP A 308 -11.33 26.09 -0.48
CA ASP A 308 -11.38 26.97 -1.64
C ASP A 308 -11.25 26.20 -2.95
N ARG A 309 -10.31 25.27 -3.00
CA ARG A 309 -10.09 24.47 -4.20
C ARG A 309 -11.34 23.65 -4.54
N VAL A 310 -11.95 23.05 -3.51
CA VAL A 310 -13.15 22.24 -3.73
C VAL A 310 -14.31 23.09 -4.21
N ASN A 311 -14.47 24.27 -3.62
CA ASN A 311 -15.56 25.17 -4.02
C ASN A 311 -15.33 25.61 -5.48
N GLU A 312 -14.07 25.86 -5.83
CA GLU A 312 -13.74 26.26 -7.20
C GLU A 312 -14.16 25.14 -8.16
N LEU A 313 -13.91 23.90 -7.76
CA LEU A 313 -14.27 22.75 -8.58
C LEU A 313 -15.78 22.56 -8.65
N LYS A 314 -16.48 22.83 -7.55
CA LYS A 314 -17.92 22.67 -7.51
C LYS A 314 -18.64 23.70 -8.37
N HIS A 315 -18.06 24.87 -8.53
CA HIS A 315 -18.68 25.93 -9.31
C HIS A 315 -18.22 26.05 -10.75
N SER A 316 -17.20 25.29 -11.13
CA SER A 316 -16.70 25.34 -12.50
C SER A 316 -16.48 23.94 -13.05
N ASP A 317 -17.47 23.43 -13.78
CA ASP A 317 -17.38 22.11 -14.35
C ASP A 317 -16.21 22.06 -15.35
N VAL A 318 -15.86 23.20 -15.93
CA VAL A 318 -14.76 23.27 -16.87
C VAL A 318 -13.43 23.04 -16.15
N LEU A 319 -13.26 23.65 -14.99
CA LEU A 319 -12.03 23.48 -14.22
C LEU A 319 -11.89 22.03 -13.80
N ARG A 320 -13.01 21.46 -13.35
CA ARG A 320 -13.03 20.06 -12.89
C ARG A 320 -12.61 19.11 -14.01
N LYS A 321 -13.25 19.23 -15.16
CA LYS A 321 -12.93 18.36 -16.28
C LYS A 321 -11.53 18.62 -16.84
N GLU A 322 -11.05 19.85 -16.76
CA GLU A 322 -9.72 20.13 -17.26
C GLU A 322 -8.69 19.41 -16.38
N MET A 323 -8.84 19.58 -15.06
CA MET A 323 -7.92 18.94 -14.14
C MET A 323 -7.97 17.42 -14.27
N LEU A 324 -9.16 16.85 -14.39
CA LEU A 324 -9.27 15.40 -14.58
C LEU A 324 -8.54 15.01 -15.85
N SER A 325 -8.74 15.80 -16.89
CA SER A 325 -8.09 15.55 -18.17
C SER A 325 -6.57 15.54 -17.99
N ILE A 326 -6.08 16.47 -17.18
CA ILE A 326 -4.66 16.58 -16.91
C ILE A 326 -4.13 15.39 -16.12
N GLN A 327 -4.79 15.04 -15.01
CA GLN A 327 -4.30 13.93 -14.22
C GLN A 327 -4.36 12.61 -14.98
N HIS A 328 -5.40 12.44 -15.80
CA HIS A 328 -5.54 11.22 -16.58
C HIS A 328 -4.44 11.12 -17.63
N ASP A 329 -4.08 12.27 -18.21
CA ASP A 329 -3.01 12.31 -19.21
C ASP A 329 -1.68 11.90 -18.57
N ILE A 330 -1.42 12.44 -17.39
CA ILE A 330 -0.18 12.13 -16.66
C ILE A 330 -0.14 10.64 -16.29
N LEU A 331 -1.28 10.09 -15.90
CA LEU A 331 -1.36 8.69 -15.55
C LEU A 331 -1.03 7.81 -16.76
N ASN A 332 -1.60 8.17 -17.90
CA ASN A 332 -1.36 7.41 -19.12
C ASN A 332 0.10 7.46 -19.51
N LYS A 333 0.75 8.59 -19.24
CA LYS A 333 2.16 8.74 -19.56
C LYS A 333 2.98 7.76 -18.71
N THR A 334 2.54 7.52 -17.48
CA THR A 334 3.23 6.60 -16.59
C THR A 334 2.99 5.18 -17.08
N ARG A 335 1.76 4.90 -17.49
CA ARG A 335 1.42 3.57 -17.97
C ARG A 335 2.18 3.24 -19.25
N ALA A 336 2.55 4.28 -19.99
CA ALA A 336 3.28 4.10 -21.24
C ALA A 336 4.67 3.51 -21.00
N LYS A 337 5.20 3.73 -19.80
CA LYS A 337 6.52 3.22 -19.43
C LYS A 337 6.44 1.85 -18.76
N LYS A 338 5.42 1.08 -19.13
CA LYS A 338 5.20 -0.25 -18.56
C LYS A 338 6.41 -1.17 -18.72
N ALA A 339 6.91 -1.28 -19.95
CA ALA A 339 8.06 -2.15 -20.23
C ALA A 339 9.25 -1.79 -19.33
N GLU A 340 9.48 -0.50 -19.15
CA GLU A 340 10.57 -0.01 -18.31
C GLU A 340 10.34 -0.46 -16.86
N TRP A 341 9.12 -0.30 -16.40
CA TRP A 341 8.74 -0.66 -15.03
C TRP A 341 8.97 -2.16 -14.83
N GLN A 342 8.52 -2.97 -15.78
CA GLN A 342 8.68 -4.42 -15.72
C GLN A 342 10.15 -4.83 -15.69
N ASP A 343 10.95 -4.24 -16.58
CA ASP A 343 12.37 -4.58 -16.61
C ASP A 343 13.06 -4.16 -15.33
N ALA A 344 12.62 -3.04 -14.76
CA ALA A 344 13.19 -2.55 -13.51
C ALA A 344 12.85 -3.52 -12.38
N PHE A 345 11.64 -4.06 -12.39
CA PHE A 345 11.25 -5.02 -11.35
C PHE A 345 12.09 -6.29 -11.48
N LYS A 346 12.14 -6.83 -12.69
CA LYS A 346 12.93 -8.03 -12.95
C LYS A 346 14.36 -7.82 -12.46
N LYS A 347 14.90 -6.64 -12.71
CA LYS A 347 16.26 -6.35 -12.28
C LYS A 347 16.33 -6.36 -10.75
N ALA A 348 15.31 -5.82 -10.10
CA ALA A 348 15.25 -5.79 -8.65
C ALA A 348 15.33 -7.20 -8.04
N ILE A 349 14.71 -8.16 -8.71
CA ILE A 349 14.74 -9.54 -8.21
C ILE A 349 15.77 -10.39 -8.97
N ASP A 350 16.88 -9.74 -9.33
CA ASP A 350 17.98 -10.39 -10.03
C ASP A 350 17.62 -11.21 -11.26
N LEU A 351 16.85 -10.60 -12.15
CA LEU A 351 16.46 -11.24 -13.41
C LEU A 351 16.78 -10.26 -14.54
CL CL B . 3.43 2.82 7.81
CL CL C . -9.62 0.03 -7.76
N1 UPG D . -8.72 0.42 0.90
C2 UPG D . -9.60 -0.62 0.68
N3 UPG D . -10.87 -0.42 1.14
C4 UPG D . -11.35 0.68 1.80
C5 UPG D . -10.39 1.72 2.01
C6 UPG D . -9.12 1.56 1.56
O2 UPG D . -9.27 -1.66 0.12
O4 UPG D . -12.52 0.68 2.21
C1C UPG D . -7.36 0.25 0.37
C2C UPG D . -6.98 1.19 -0.79
O2C UPG D . -6.50 0.40 -1.85
C3C UPG D . -5.88 2.05 -0.16
C4C UPG D . -5.25 1.09 0.83
O4C UPG D . -6.41 0.45 1.40
O3C UPG D . -4.94 2.47 -1.13
C5C UPG D . -4.35 1.65 1.91
O5C UPG D . -4.98 2.69 2.62
PA UPG D . -4.48 3.09 4.09
O1A UPG D . -5.08 4.41 4.44
O2A UPG D . -4.67 1.93 4.99
O3A UPG D . -2.87 3.28 3.90
PB UPG D . -2.03 4.35 3.00
O1B UPG D . -1.17 5.11 3.94
O2B UPG D . -2.94 5.08 2.08
O3B UPG D . -1.12 3.38 2.13
C1' UPG D . -0.41 2.26 2.66
C2' UPG D . 1.09 2.41 2.55
C3' UPG D . 1.43 2.67 1.07
C4' UPG D . 0.90 1.51 0.22
C5' UPG D . -0.59 1.25 0.50
C6' UPG D . -1.07 -0.04 -0.15
O2' UPG D . 1.53 3.49 3.36
O3' UPG D . 2.83 2.80 0.91
O4' UPG D . 1.10 1.80 -1.16
O5' UPG D . -0.84 1.11 1.92
O6' UPG D . -0.31 -1.15 0.32
C1 GOL E . 0.62 -3.14 4.30
O1 GOL E . -0.39 -3.46 5.47
C2 GOL E . 0.29 -2.81 3.09
O2 GOL E . -0.56 -1.77 3.11
C3 GOL E . -0.27 -3.87 2.52
O3 GOL E . 0.45 -5.24 2.20
C1 GOL F . -2.84 -20.03 -8.87
O1 GOL F . -4.12 -19.87 -7.96
C2 GOL F . -1.79 -20.76 -8.58
O2 GOL F . -2.13 -22.06 -8.51
C3 GOL F . -1.29 -20.36 -7.44
O3 GOL F . -0.94 -18.85 -7.05
#